data_1FEU
#
_entry.id   1FEU
#
_cell.length_a   109.904
_cell.length_b   109.904
_cell.length_c   137.511
_cell.angle_alpha   90.00
_cell.angle_beta   90.00
_cell.angle_gamma   120.00
#
_symmetry.space_group_name_H-M   'P 31 1 2'
#
loop_
_entity.id
_entity.type
_entity.pdbx_description
1 polymer '19 NT FRAGMENT OF 5S RRNA'
2 polymer '21 NT FRAGMENT OF 5S RRNA'
3 polymer '50S RIBOSOMAL PROTEIN L25'
4 non-polymer 'MAGNESIUM ION'
5 non-polymer 'CADMIUM ION'
6 water water
#
loop_
_entity_poly.entity_id
_entity_poly.type
_entity_poly.pdbx_seq_one_letter_code
_entity_poly.pdbx_strand_id
1 'polyribonucleotide' GCCGAUGGUAGUGUGGGGU B,E
2 'polyribonucleotide' CCCCAUGCGAGAGUAGGGAAC C,F
3 'polypeptide(L)'
;MEYRLKAYYREGEKPSALRRAGKLPGLMYNRHLNRKVYVDLVEFDKVFRQASIHHVIVLELPDGQSLPTLVRQVNLDKRR
RRPEHVDFFVLSDEPVEMYVPLRFVGTPAGVRAGGVLQEIHRDILVKVSPRNIPEFIEVDVSGLEIGDSLHASDLKLPPG
VELAVSPEETIAAVVPPEDVEKLAEEAAAEVAEPEVIKKGKEEEEE
;
A,D
#
loop_
_chem_comp.id
_chem_comp.type
_chem_comp.name
_chem_comp.formula
A RNA linking ADENOSINE-5'-MONOPHOSPHATE 'C10 H14 N5 O7 P'
C RNA linking CYTIDINE-5'-MONOPHOSPHATE 'C9 H14 N3 O8 P'
CD non-polymer 'CADMIUM ION' 'Cd 2'
G RNA linking GUANOSINE-5'-MONOPHOSPHATE 'C10 H14 N5 O8 P'
MG non-polymer 'MAGNESIUM ION' 'Mg 2'
U RNA linking URIDINE-5'-MONOPHOSPHATE 'C9 H13 N2 O9 P'
#
# COMPACT_ATOMS: atom_id res chain seq x y z
N MET E 1 19.64 -33.94 -14.77
CA MET E 1 20.00 -32.81 -15.67
C MET E 1 20.31 -31.56 -14.83
N GLU E 2 21.44 -30.93 -15.12
CA GLU E 2 21.84 -29.73 -14.38
C GLU E 2 22.21 -28.61 -15.35
N TYR E 3 22.03 -27.37 -14.92
CA TYR E 3 22.33 -26.24 -15.81
C TYR E 3 23.23 -25.22 -15.17
N ARG E 4 23.77 -24.32 -15.98
CA ARG E 4 24.64 -23.27 -15.48
C ARG E 4 24.10 -21.91 -15.91
N LEU E 5 24.44 -20.88 -15.14
CA LEU E 5 24.03 -19.51 -15.43
C LEU E 5 24.94 -18.54 -14.69
N LYS E 6 25.36 -17.49 -15.38
CA LYS E 6 26.22 -16.49 -14.77
C LYS E 6 25.38 -15.49 -13.99
N ALA E 7 25.76 -15.29 -12.73
CA ALA E 7 25.07 -14.37 -11.83
C ALA E 7 26.06 -13.35 -11.32
N TYR E 8 25.59 -12.14 -11.06
CA TYR E 8 26.47 -11.09 -10.55
C TYR E 8 25.77 -10.39 -9.39
N TYR E 9 26.53 -9.93 -8.42
CA TYR E 9 25.96 -9.23 -7.28
C TYR E 9 25.49 -7.82 -7.68
N ARG E 10 24.71 -7.19 -6.80
CA ARG E 10 24.23 -5.83 -7.04
C ARG E 10 23.97 -5.15 -5.70
N GLU E 11 24.08 -3.82 -5.69
CA GLU E 11 23.86 -3.06 -4.47
C GLU E 11 22.99 -1.85 -4.71
N GLY E 12 23.62 -0.79 -5.23
CA GLY E 12 22.88 0.43 -5.50
C GLY E 12 22.14 0.41 -6.82
N GLU E 13 22.67 -0.31 -7.79
CA GLU E 13 22.04 -0.37 -9.10
C GLU E 13 20.53 -0.65 -9.02
N LYS E 14 19.75 0.32 -9.48
CA LYS E 14 18.30 0.26 -9.48
C LYS E 14 17.72 -0.86 -10.34
N PRO E 15 16.66 -1.53 -9.87
CA PRO E 15 16.04 -2.62 -10.62
C PRO E 15 15.56 -2.21 -12.01
N SER E 16 14.83 -1.10 -12.10
CA SER E 16 14.33 -0.63 -13.39
C SER E 16 15.46 -0.37 -14.39
N ALA E 17 16.60 0.11 -13.89
CA ALA E 17 17.75 0.39 -14.74
C ALA E 17 18.32 -0.94 -15.24
N LEU E 18 18.42 -1.90 -14.33
CA LEU E 18 18.92 -3.22 -14.67
C LEU E 18 18.05 -3.86 -15.74
N ARG E 19 16.74 -3.87 -15.51
CA ARG E 19 15.80 -4.46 -16.47
C ARG E 19 15.97 -3.81 -17.83
N ARG E 20 16.08 -2.48 -17.83
CA ARG E 20 16.28 -1.68 -19.04
C ARG E 20 17.56 -2.12 -19.74
N ALA E 21 18.58 -2.45 -18.96
CA ALA E 21 19.87 -2.89 -19.48
C ALA E 21 19.87 -4.38 -19.81
N GLY E 22 18.69 -4.96 -20.02
CA GLY E 22 18.59 -6.38 -20.35
C GLY E 22 18.90 -7.39 -19.23
N LYS E 23 19.10 -6.89 -18.03
CA LYS E 23 19.39 -7.74 -16.89
C LYS E 23 18.12 -8.00 -16.07
N LEU E 24 18.10 -9.13 -15.38
CA LEU E 24 16.96 -9.51 -14.55
C LEU E 24 17.32 -9.43 -13.07
N PRO E 25 16.69 -8.49 -12.34
CA PRO E 25 17.04 -8.42 -10.92
C PRO E 25 16.56 -9.69 -10.21
N GLY E 26 17.17 -9.98 -9.08
CA GLY E 26 16.77 -11.16 -8.33
C GLY E 26 17.57 -11.28 -7.06
N LEU E 27 17.46 -12.43 -6.42
CA LEU E 27 18.22 -12.68 -5.21
C LEU E 27 18.26 -14.17 -4.86
N MET E 28 19.32 -14.56 -4.18
CA MET E 28 19.55 -15.93 -3.76
C MET E 28 19.63 -15.98 -2.25
N TYR E 29 19.18 -17.08 -1.67
CA TYR E 29 19.19 -17.22 -0.23
C TYR E 29 18.96 -18.65 0.23
N ASN E 30 19.14 -18.85 1.53
CA ASN E 30 18.92 -20.10 2.23
C ASN E 30 19.12 -19.76 3.69
N ARG E 31 18.95 -20.73 4.58
CA ARG E 31 19.07 -20.45 6.00
C ARG E 31 20.38 -19.77 6.37
N HIS E 32 21.30 -19.68 5.41
CA HIS E 32 22.61 -19.07 5.67
C HIS E 32 22.90 -17.76 4.99
N LEU E 33 22.51 -17.65 3.73
CA LEU E 33 22.79 -16.44 3.00
C LEU E 33 21.59 -15.78 2.33
N ASN E 34 21.81 -14.54 1.89
CA ASN E 34 20.83 -13.73 1.21
C ASN E 34 21.66 -12.63 0.58
N ARG E 35 21.66 -12.58 -0.75
CA ARG E 35 22.43 -11.58 -1.45
C ARG E 35 21.67 -11.16 -2.69
N LYS E 36 21.65 -9.85 -2.95
CA LYS E 36 20.95 -9.34 -4.13
C LYS E 36 21.86 -9.62 -5.31
N VAL E 37 21.28 -10.17 -6.37
CA VAL E 37 22.05 -10.49 -7.56
C VAL E 37 21.21 -10.20 -8.80
N TYR E 38 21.78 -10.46 -9.97
CA TYR E 38 21.08 -10.27 -11.23
C TYR E 38 21.70 -11.19 -12.27
N VAL E 39 20.96 -11.46 -13.34
CA VAL E 39 21.42 -12.33 -14.41
C VAL E 39 20.85 -11.81 -15.73
N ASP E 40 21.46 -12.18 -16.85
CA ASP E 40 20.95 -11.73 -18.14
C ASP E 40 19.61 -12.42 -18.39
N LEU E 41 18.61 -11.64 -18.79
CA LEU E 41 17.29 -12.18 -19.04
C LEU E 41 17.27 -13.26 -20.11
N VAL E 42 17.98 -13.04 -21.22
CA VAL E 42 17.99 -14.02 -22.29
C VAL E 42 18.59 -15.34 -21.82
N GLU E 43 19.70 -15.25 -21.11
CA GLU E 43 20.37 -16.45 -20.59
C GLU E 43 19.39 -17.23 -19.71
N PHE E 44 18.80 -16.52 -18.75
CA PHE E 44 17.85 -17.10 -17.82
C PHE E 44 16.69 -17.73 -18.57
N ASP E 45 16.01 -16.95 -19.41
CA ASP E 45 14.89 -17.49 -20.16
C ASP E 45 15.28 -18.77 -20.84
N LYS E 46 16.47 -18.80 -21.43
CA LYS E 46 16.96 -19.98 -22.10
C LYS E 46 17.11 -21.13 -21.12
N VAL E 47 17.78 -20.88 -20.00
CA VAL E 47 18.03 -21.89 -18.97
C VAL E 47 16.77 -22.37 -18.23
N PHE E 48 15.97 -21.43 -17.76
CA PHE E 48 14.75 -21.72 -17.01
C PHE E 48 13.76 -22.54 -17.83
N ARG E 49 13.78 -22.34 -19.14
CA ARG E 49 12.90 -23.06 -20.05
C ARG E 49 13.18 -24.56 -19.97
N GLN E 50 14.38 -24.91 -19.54
CA GLN E 50 14.75 -26.32 -19.42
C GLN E 50 14.76 -26.81 -17.98
N ALA E 51 15.17 -25.95 -17.07
CA ALA E 51 15.25 -26.30 -15.66
C ALA E 51 13.96 -26.07 -14.90
N SER E 52 13.27 -24.96 -15.18
CA SER E 52 12.04 -24.63 -14.47
C SER E 52 12.41 -24.65 -12.99
N ILE E 53 11.57 -25.27 -12.16
CA ILE E 53 11.91 -25.36 -10.74
C ILE E 53 12.23 -26.81 -10.36
N HIS E 54 12.53 -27.64 -11.35
CA HIS E 54 12.80 -29.04 -11.10
C HIS E 54 14.24 -29.50 -11.20
N HIS E 55 15.09 -28.71 -11.86
CA HIS E 55 16.50 -29.07 -12.04
C HIS E 55 17.43 -28.06 -11.38
N VAL E 56 18.61 -28.53 -10.96
CA VAL E 56 19.57 -27.63 -10.32
C VAL E 56 20.28 -26.71 -11.32
N ILE E 57 20.26 -25.42 -11.02
CA ILE E 57 20.91 -24.40 -11.84
C ILE E 57 22.15 -23.95 -11.06
N VAL E 58 23.33 -24.09 -11.66
CA VAL E 58 24.54 -23.67 -10.96
C VAL E 58 24.87 -22.24 -11.35
N LEU E 59 24.90 -21.37 -10.35
CA LEU E 59 25.18 -19.96 -10.57
C LEU E 59 26.68 -19.64 -10.51
N GLU E 60 27.23 -19.12 -11.62
CA GLU E 60 28.64 -18.75 -11.66
C GLU E 60 28.73 -17.32 -11.15
N LEU E 61 29.24 -17.17 -9.93
CA LEU E 61 29.36 -15.84 -9.33
C LEU E 61 30.69 -15.18 -9.67
N PRO E 62 30.74 -13.82 -9.66
CA PRO E 62 31.93 -13.03 -9.96
C PRO E 62 33.19 -13.48 -9.21
N ASP E 63 33.03 -13.75 -7.93
CA ASP E 63 34.14 -14.20 -7.08
C ASP E 63 34.60 -15.61 -7.43
N GLY E 64 34.38 -16.03 -8.67
CA GLY E 64 34.80 -17.35 -9.10
C GLY E 64 34.06 -18.47 -8.40
N GLN E 65 33.23 -18.12 -7.43
CA GLN E 65 32.45 -19.11 -6.69
C GLN E 65 31.24 -19.58 -7.49
N SER E 66 30.83 -20.82 -7.24
CA SER E 66 29.69 -21.41 -7.92
C SER E 66 28.71 -21.92 -6.89
N LEU E 67 27.43 -21.59 -7.08
CA LEU E 67 26.42 -22.04 -6.14
C LEU E 67 25.31 -22.86 -6.79
N PRO E 68 25.07 -24.07 -6.26
CA PRO E 68 24.03 -24.96 -6.78
C PRO E 68 22.68 -24.42 -6.29
N THR E 69 21.81 -24.03 -7.20
CA THR E 69 20.53 -23.49 -6.76
C THR E 69 19.31 -24.13 -7.41
N LEU E 70 18.15 -23.71 -6.94
CA LEU E 70 16.86 -24.17 -7.43
C LEU E 70 16.02 -22.90 -7.52
N VAL E 71 15.31 -22.71 -8.63
CA VAL E 71 14.49 -21.52 -8.77
C VAL E 71 13.25 -21.66 -7.87
N ARG E 72 13.10 -20.73 -6.93
CA ARG E 72 11.99 -20.77 -6.00
C ARG E 72 10.82 -19.89 -6.36
N GLN E 73 11.05 -18.90 -7.21
CA GLN E 73 10.00 -17.96 -7.59
C GLN E 73 10.43 -17.11 -8.77
N VAL E 74 9.46 -16.67 -9.56
CA VAL E 74 9.73 -15.82 -10.71
C VAL E 74 8.57 -14.85 -10.80
N ASN E 75 8.76 -13.64 -10.28
CA ASN E 75 7.72 -12.62 -10.32
C ASN E 75 7.59 -12.07 -11.72
N LEU E 76 6.43 -12.32 -12.33
CA LEU E 76 6.15 -11.84 -13.67
C LEU E 76 5.58 -10.45 -13.62
N ASP E 77 6.11 -9.55 -14.44
CA ASP E 77 5.57 -8.20 -14.49
C ASP E 77 4.10 -8.43 -14.90
N LYS E 78 3.17 -7.90 -14.13
CA LYS E 78 1.78 -8.09 -14.48
C LYS E 78 1.54 -7.38 -15.79
N ARG E 79 0.56 -7.89 -16.56
CA ARG E 79 0.18 -7.31 -17.84
C ARG E 79 1.31 -7.52 -18.85
N ARG E 80 1.70 -8.79 -19.01
CA ARG E 80 2.74 -9.25 -19.94
C ARG E 80 3.26 -10.64 -19.57
N ARG E 81 4.17 -11.14 -20.39
CA ARG E 81 4.81 -12.43 -20.19
C ARG E 81 6.31 -12.20 -20.12
N ARG E 82 6.80 -11.76 -18.97
CA ARG E 82 8.23 -11.50 -18.79
C ARG E 82 8.65 -11.43 -17.33
N PRO E 83 9.72 -12.15 -16.96
CA PRO E 83 10.23 -12.15 -15.58
C PRO E 83 10.72 -10.76 -15.18
N GLU E 84 10.29 -10.27 -14.01
CA GLU E 84 10.75 -8.95 -13.55
C GLU E 84 11.63 -9.12 -12.32
N HIS E 85 11.59 -10.30 -11.72
CA HIS E 85 12.41 -10.62 -10.56
C HIS E 85 12.42 -12.13 -10.35
N VAL E 86 13.52 -12.65 -9.83
CA VAL E 86 13.66 -14.09 -9.60
C VAL E 86 14.37 -14.41 -8.29
N ASP E 87 13.96 -15.53 -7.69
CA ASP E 87 14.54 -16.00 -6.44
C ASP E 87 15.31 -17.30 -6.69
N PHE E 88 16.50 -17.41 -6.10
CA PHE E 88 17.30 -18.63 -6.24
C PHE E 88 17.48 -19.21 -4.87
N PHE E 89 16.98 -20.43 -4.66
CA PHE E 89 17.16 -21.07 -3.37
C PHE E 89 18.48 -21.83 -3.42
N VAL E 90 19.47 -21.34 -2.69
CA VAL E 90 20.80 -21.94 -2.67
C VAL E 90 20.82 -23.28 -1.92
N LEU E 91 21.07 -24.35 -2.67
CA LEU E 91 21.13 -25.68 -2.10
C LEU E 91 22.31 -25.79 -1.13
N SER E 92 22.03 -26.38 0.03
CA SER E 92 23.01 -26.53 1.09
C SER E 92 23.25 -28.00 1.45
N ASP E 93 23.49 -28.24 2.74
CA ASP E 93 23.74 -29.58 3.25
C ASP E 93 22.47 -30.27 3.73
N GLU E 94 21.46 -29.50 4.09
CA GLU E 94 20.20 -30.04 4.58
C GLU E 94 19.20 -30.36 3.47
N PRO E 95 18.22 -31.23 3.75
CA PRO E 95 17.23 -31.56 2.71
C PRO E 95 16.39 -30.32 2.39
N VAL E 96 15.66 -30.38 1.28
CA VAL E 96 14.81 -29.25 0.89
C VAL E 96 13.51 -29.71 0.28
N GLU E 97 12.48 -28.87 0.40
CA GLU E 97 11.19 -29.19 -0.21
C GLU E 97 11.27 -28.69 -1.63
N MET E 98 10.72 -29.46 -2.56
CA MET E 98 10.74 -29.08 -3.96
C MET E 98 9.71 -29.87 -4.75
N TYR E 99 9.36 -29.37 -5.92
CA TYR E 99 8.39 -30.04 -6.74
C TYR E 99 9.05 -30.94 -7.79
N VAL E 100 8.66 -32.22 -7.78
CA VAL E 100 9.18 -33.18 -8.74
C VAL E 100 8.03 -33.56 -9.64
N PRO E 101 8.29 -33.62 -10.95
CA PRO E 101 7.24 -33.98 -11.91
C PRO E 101 6.82 -35.42 -11.73
N LEU E 102 5.56 -35.71 -12.02
CA LEU E 102 5.08 -37.08 -11.92
C LEU E 102 4.96 -37.64 -13.32
N ARG E 103 5.45 -38.86 -13.51
CA ARG E 103 5.40 -39.49 -14.82
C ARG E 103 4.38 -40.62 -14.76
N PHE E 104 3.15 -40.33 -15.18
CA PHE E 104 2.10 -41.34 -15.16
C PHE E 104 2.34 -42.45 -16.17
N VAL E 105 2.11 -43.70 -15.77
CA VAL E 105 2.34 -44.84 -16.65
C VAL E 105 1.24 -45.89 -16.51
N GLY E 106 1.00 -46.62 -17.60
CA GLY E 106 -0.02 -47.66 -17.59
C GLY E 106 -1.44 -47.16 -17.80
N THR E 107 -2.29 -48.02 -18.36
CA THR E 107 -3.68 -47.64 -18.60
C THR E 107 -4.54 -48.30 -17.51
N PRO E 108 -5.32 -47.49 -16.77
CA PRO E 108 -6.19 -48.01 -15.70
C PRO E 108 -7.13 -49.11 -16.17
N ALA E 109 -7.24 -50.17 -15.37
CA ALA E 109 -8.12 -51.27 -15.70
C ALA E 109 -9.53 -50.72 -15.83
N GLY E 110 -9.78 -49.63 -15.10
CA GLY E 110 -11.08 -48.98 -15.12
C GLY E 110 -11.27 -48.19 -16.40
N VAL E 111 -10.19 -47.98 -17.13
CA VAL E 111 -10.26 -47.24 -18.39
C VAL E 111 -10.63 -48.22 -19.49
N ARG E 112 -10.21 -49.48 -19.31
CA ARG E 112 -10.52 -50.55 -20.26
C ARG E 112 -12.02 -50.81 -20.14
N ALA E 113 -12.55 -50.51 -18.96
CA ALA E 113 -13.96 -50.69 -18.66
C ALA E 113 -14.77 -49.45 -19.03
N GLY E 114 -14.17 -48.56 -19.82
CA GLY E 114 -14.84 -47.35 -20.25
C GLY E 114 -14.71 -46.20 -19.27
N GLY E 115 -13.97 -46.42 -18.19
CA GLY E 115 -13.80 -45.38 -17.18
C GLY E 115 -12.95 -44.22 -17.68
N VAL E 116 -12.97 -43.13 -16.93
CA VAL E 116 -12.22 -41.91 -17.27
C VAL E 116 -11.08 -41.66 -16.28
N LEU E 117 -9.84 -41.62 -16.78
CA LEU E 117 -8.69 -41.36 -15.92
C LEU E 117 -8.45 -39.87 -15.71
N GLN E 118 -8.28 -39.46 -14.45
CA GLN E 118 -8.04 -38.07 -14.13
C GLN E 118 -6.74 -37.88 -13.34
N GLU E 119 -5.78 -37.18 -13.92
CA GLU E 119 -4.51 -36.92 -13.25
C GLU E 119 -4.65 -35.60 -12.50
N ILE E 120 -4.94 -35.69 -11.21
CA ILE E 120 -5.13 -34.50 -10.40
C ILE E 120 -3.83 -33.69 -10.25
N HIS E 121 -2.72 -34.40 -10.10
CA HIS E 121 -1.42 -33.75 -9.94
C HIS E 121 -0.49 -33.94 -11.12
N ARG E 122 0.29 -32.89 -11.42
CA ARG E 122 1.28 -32.93 -12.50
C ARG E 122 2.65 -33.08 -11.83
N ASP E 123 2.79 -32.43 -10.67
CA ASP E 123 4.00 -32.49 -9.88
C ASP E 123 3.60 -32.76 -8.44
N ILE E 124 4.54 -33.26 -7.65
CA ILE E 124 4.29 -33.55 -6.25
C ILE E 124 5.34 -32.83 -5.40
N LEU E 125 4.97 -32.42 -4.20
CA LEU E 125 5.93 -31.74 -3.33
C LEU E 125 6.58 -32.80 -2.43
N VAL E 126 7.90 -32.93 -2.55
CA VAL E 126 8.64 -33.90 -1.75
C VAL E 126 9.82 -33.24 -1.04
N LYS E 127 10.36 -33.92 -0.05
CA LYS E 127 11.51 -33.42 0.71
C LYS E 127 12.72 -34.29 0.35
N VAL E 128 13.86 -33.68 0.04
CA VAL E 128 15.02 -34.46 -0.35
C VAL E 128 16.34 -33.67 -0.26
N SER E 129 17.44 -34.39 -0.04
CA SER E 129 18.76 -33.74 0.02
C SER E 129 19.20 -33.50 -1.43
N PRO E 130 19.73 -32.30 -1.72
CA PRO E 130 20.19 -31.91 -3.05
C PRO E 130 20.96 -32.99 -3.78
N ARG E 131 21.55 -33.89 -3.02
CA ARG E 131 22.33 -34.98 -3.59
C ARG E 131 21.43 -35.98 -4.33
N ASN E 132 20.24 -36.24 -3.78
CA ASN E 132 19.31 -37.21 -4.36
C ASN E 132 18.14 -36.67 -5.20
N ILE E 133 18.18 -35.41 -5.60
CA ILE E 133 17.07 -34.87 -6.39
C ILE E 133 16.68 -35.79 -7.56
N PRO E 134 15.43 -36.28 -7.55
CA PRO E 134 14.94 -37.18 -8.61
C PRO E 134 14.49 -36.43 -9.85
N GLU E 135 14.63 -37.04 -11.02
CA GLU E 135 14.23 -36.40 -12.26
C GLU E 135 12.72 -36.40 -12.44
N PHE E 136 12.10 -37.44 -11.91
CA PHE E 136 10.66 -37.59 -12.01
C PHE E 136 10.26 -38.75 -11.13
N ILE E 137 8.98 -38.85 -10.84
CA ILE E 137 8.49 -39.94 -10.03
C ILE E 137 7.46 -40.65 -10.90
N GLU E 138 7.76 -41.89 -11.28
CA GLU E 138 6.85 -42.65 -12.10
C GLU E 138 5.63 -43.01 -11.27
N VAL E 139 4.48 -43.04 -11.93
CA VAL E 139 3.22 -43.37 -11.27
C VAL E 139 2.39 -44.30 -12.16
N ASP E 140 2.34 -45.57 -11.78
CA ASP E 140 1.57 -46.55 -12.55
C ASP E 140 0.11 -46.58 -12.10
N VAL E 141 -0.78 -46.27 -13.03
CA VAL E 141 -2.21 -46.24 -12.75
C VAL E 141 -2.95 -47.38 -13.40
N SER E 142 -2.23 -48.40 -13.87
CA SER E 142 -2.86 -49.53 -14.51
C SER E 142 -3.84 -50.21 -13.55
N GLY E 143 -3.56 -50.09 -12.26
CA GLY E 143 -4.41 -50.71 -11.26
C GLY E 143 -5.74 -50.02 -10.98
N LEU E 144 -5.79 -48.71 -11.13
CA LEU E 144 -7.01 -47.97 -10.87
C LEU E 144 -8.26 -48.51 -11.56
N GLU E 145 -9.28 -48.81 -10.76
CA GLU E 145 -10.56 -49.31 -11.28
C GLU E 145 -11.54 -48.15 -11.16
N ILE E 146 -12.61 -48.16 -11.96
CA ILE E 146 -13.60 -47.09 -11.92
C ILE E 146 -14.05 -46.81 -10.49
N GLY E 147 -13.70 -45.64 -9.99
CA GLY E 147 -14.05 -45.29 -8.62
C GLY E 147 -12.89 -45.37 -7.65
N ASP E 148 -11.68 -45.59 -8.16
CA ASP E 148 -10.48 -45.67 -7.33
C ASP E 148 -9.72 -44.35 -7.30
N SER E 149 -8.70 -44.30 -6.44
CA SER E 149 -7.85 -43.13 -6.28
C SER E 149 -6.47 -43.52 -5.79
N LEU E 150 -5.46 -43.02 -6.48
CA LEU E 150 -4.09 -43.27 -6.08
C LEU E 150 -3.77 -42.07 -5.22
N HIS E 151 -3.34 -42.30 -3.98
CA HIS E 151 -3.03 -41.21 -3.08
C HIS E 151 -1.53 -41.02 -2.97
N ALA E 152 -1.11 -39.89 -2.43
CA ALA E 152 0.32 -39.64 -2.27
C ALA E 152 1.01 -40.82 -1.63
N SER E 153 0.38 -41.39 -0.59
CA SER E 153 0.92 -42.53 0.14
C SER E 153 1.06 -43.77 -0.73
N ASP E 154 0.53 -43.70 -1.94
CA ASP E 154 0.61 -44.83 -2.87
C ASP E 154 1.83 -44.70 -3.75
N LEU E 155 2.29 -43.46 -3.96
CA LEU E 155 3.45 -43.22 -4.80
C LEU E 155 4.65 -44.02 -4.32
N LYS E 156 5.35 -44.64 -5.26
CA LYS E 156 6.55 -45.41 -4.93
C LYS E 156 7.70 -44.44 -5.02
N LEU E 157 8.09 -43.93 -3.86
CA LEU E 157 9.17 -42.95 -3.74
C LEU E 157 10.60 -43.52 -3.81
N PRO E 158 11.50 -42.77 -4.45
CA PRO E 158 12.91 -43.17 -4.60
C PRO E 158 13.57 -43.09 -3.22
N PRO E 159 14.66 -43.85 -3.00
CA PRO E 159 15.34 -43.82 -1.70
C PRO E 159 15.82 -42.40 -1.42
N GLY E 160 15.50 -41.88 -0.24
CA GLY E 160 15.92 -40.54 0.10
C GLY E 160 14.83 -39.49 -0.06
N VAL E 161 13.90 -39.76 -0.97
CA VAL E 161 12.79 -38.84 -1.23
C VAL E 161 11.57 -39.20 -0.38
N GLU E 162 10.97 -38.19 0.23
CA GLU E 162 9.76 -38.42 1.04
C GLU E 162 8.70 -37.36 0.77
N LEU E 163 7.45 -37.70 1.08
CA LEU E 163 6.33 -36.80 0.86
C LEU E 163 6.39 -35.54 1.70
N ALA E 164 6.02 -34.42 1.06
CA ALA E 164 6.01 -33.13 1.72
C ALA E 164 4.55 -32.66 1.73
N VAL E 165 3.66 -33.59 1.38
CA VAL E 165 2.22 -33.34 1.36
C VAL E 165 1.48 -34.43 2.12
N SER E 166 0.24 -34.17 2.50
CA SER E 166 -0.54 -35.15 3.24
C SER E 166 -0.59 -36.47 2.48
N PRO E 167 -0.41 -37.59 3.19
CA PRO E 167 -0.44 -38.93 2.62
C PRO E 167 -1.75 -39.22 1.89
N GLU E 168 -2.81 -38.55 2.34
CA GLU E 168 -4.14 -38.73 1.76
C GLU E 168 -4.36 -37.89 0.51
N GLU E 169 -3.40 -37.06 0.15
CA GLU E 169 -3.51 -36.22 -1.05
C GLU E 169 -3.79 -37.12 -2.27
N THR E 170 -4.83 -36.78 -3.02
CA THR E 170 -5.20 -37.57 -4.18
C THR E 170 -4.35 -37.22 -5.40
N ILE E 171 -3.62 -38.21 -5.90
CA ILE E 171 -2.76 -38.02 -7.07
C ILE E 171 -3.54 -38.25 -8.36
N ALA E 172 -4.34 -39.31 -8.39
CA ALA E 172 -5.14 -39.63 -9.56
C ALA E 172 -6.40 -40.40 -9.15
N ALA E 173 -7.29 -40.59 -10.11
CA ALA E 173 -8.54 -41.31 -9.89
C ALA E 173 -9.10 -41.70 -11.26
N VAL E 174 -9.94 -42.72 -11.30
CA VAL E 174 -10.57 -43.15 -12.54
C VAL E 174 -12.07 -43.06 -12.29
N VAL E 175 -12.74 -42.23 -13.06
CA VAL E 175 -14.18 -42.02 -12.88
C VAL E 175 -15.06 -42.57 -14.00
N PRO E 176 -16.30 -42.97 -13.66
CA PRO E 176 -17.28 -43.51 -14.62
C PRO E 176 -17.71 -42.49 -15.69
N PRO E 177 -17.83 -42.96 -16.94
CA PRO E 177 -18.23 -42.15 -18.11
C PRO E 177 -19.61 -41.47 -18.02
N GLU E 178 -20.29 -41.37 -19.18
CA GLU E 178 -21.60 -40.72 -19.28
C GLU E 178 -21.54 -39.35 -18.60
N ASP E 179 -20.51 -38.57 -18.97
CA ASP E 179 -20.27 -37.25 -18.38
C ASP E 179 -19.83 -37.48 -16.94
N VAL E 180 -18.69 -36.93 -16.54
CA VAL E 180 -18.23 -37.14 -15.17
C VAL E 180 -17.29 -36.01 -14.77
N GLU E 181 -17.55 -34.84 -15.37
CA GLU E 181 -16.79 -33.61 -15.16
C GLU E 181 -17.31 -32.70 -16.26
N LYS E 182 -18.64 -32.57 -16.31
CA LYS E 182 -19.29 -31.75 -17.35
C LYS E 182 -19.25 -32.45 -18.72
N LEU E 183 -20.20 -32.10 -19.58
CA LEU E 183 -20.29 -32.70 -20.90
C LEU E 183 -20.59 -31.68 -22.01
N ALA E 184 -19.57 -31.39 -22.82
CA ALA E 184 -19.69 -30.44 -23.93
C ALA E 184 -20.80 -30.89 -24.88
N GLU E 185 -21.99 -30.33 -24.70
CA GLU E 185 -23.16 -30.68 -25.51
C GLU E 185 -23.65 -29.52 -26.37
N MET F 1 -19.01 31.54 18.28
CA MET F 1 -19.97 30.82 17.39
C MET F 1 -19.81 29.32 17.54
N GLU F 2 -20.74 28.72 18.26
CA GLU F 2 -20.75 27.29 18.49
C GLU F 2 -21.78 26.68 17.55
N TYR F 3 -21.44 25.58 16.90
CA TYR F 3 -22.38 24.92 16.00
C TYR F 3 -22.75 23.58 16.56
N ARG F 4 -23.83 22.99 16.05
CA ARG F 4 -24.31 21.72 16.57
C ARG F 4 -24.53 20.69 15.49
N LEU F 5 -24.16 19.44 15.81
CA LEU F 5 -24.30 18.36 14.86
C LEU F 5 -24.52 17.01 15.55
N LYS F 6 -25.51 16.24 15.08
CA LYS F 6 -25.78 14.94 15.66
C LYS F 6 -24.78 13.92 15.14
N ALA F 7 -24.27 13.07 16.04
CA ALA F 7 -23.30 12.06 15.67
C ALA F 7 -23.70 10.73 16.30
N TYR F 8 -23.29 9.62 15.66
CA TYR F 8 -23.61 8.27 16.13
C TYR F 8 -22.36 7.42 16.17
N TYR F 9 -22.25 6.58 17.20
CA TYR F 9 -21.09 5.71 17.32
C TYR F 9 -21.26 4.62 16.29
N ARG F 10 -20.14 4.12 15.79
CA ARG F 10 -20.19 3.03 14.83
C ARG F 10 -19.20 2.02 15.37
N GLU F 11 -19.30 0.78 14.90
CA GLU F 11 -18.40 -0.25 15.35
C GLU F 11 -17.95 -1.05 14.15
N GLY F 12 -18.68 -2.11 13.82
CA GLY F 12 -18.29 -2.93 12.69
C GLY F 12 -18.91 -2.60 11.35
N GLU F 13 -19.77 -1.59 11.26
CA GLU F 13 -20.38 -1.29 9.97
C GLU F 13 -19.38 -0.79 8.93
N LYS F 14 -19.51 -1.30 7.71
CA LYS F 14 -18.61 -0.96 6.62
C LYS F 14 -18.74 0.48 6.15
N PRO F 15 -17.61 1.16 5.96
CA PRO F 15 -17.61 2.56 5.51
C PRO F 15 -18.34 2.74 4.17
N SER F 16 -18.19 1.75 3.30
CA SER F 16 -18.85 1.81 2.00
C SER F 16 -20.36 1.81 2.19
N ALA F 17 -20.82 1.09 3.20
CA ALA F 17 -22.25 1.01 3.49
C ALA F 17 -22.74 2.31 4.10
N LEU F 18 -21.98 2.84 5.06
CA LEU F 18 -22.37 4.08 5.71
C LEU F 18 -22.53 5.18 4.67
N ARG F 19 -21.58 5.27 3.74
CA ARG F 19 -21.64 6.28 2.69
C ARG F 19 -22.85 6.10 1.79
N ARG F 20 -23.11 4.86 1.41
CA ARG F 20 -24.23 4.52 0.56
C ARG F 20 -25.54 4.96 1.23
N ALA F 21 -25.51 5.03 2.56
CA ALA F 21 -26.67 5.45 3.34
C ALA F 21 -26.65 6.95 3.57
N GLY F 22 -25.76 7.65 2.86
CA GLY F 22 -25.65 9.09 2.99
C GLY F 22 -24.93 9.54 4.25
N LYS F 23 -24.23 8.63 4.92
CA LYS F 23 -23.54 8.97 6.15
C LYS F 23 -22.04 9.15 5.97
N LEU F 24 -21.47 10.07 6.73
CA LEU F 24 -20.04 10.36 6.65
C LEU F 24 -19.26 9.66 7.77
N PRO F 25 -18.39 8.71 7.41
CA PRO F 25 -17.59 7.97 8.39
C PRO F 25 -16.72 8.96 9.15
N GLY F 26 -16.69 8.83 10.48
CA GLY F 26 -15.90 9.76 11.24
C GLY F 26 -15.07 9.16 12.33
N LEU F 27 -14.49 10.03 13.13
CA LEU F 27 -13.64 9.62 14.22
C LEU F 27 -13.40 10.78 15.18
N MET F 28 -13.66 10.59 16.46
CA MET F 28 -13.41 11.66 17.43
C MET F 28 -12.34 11.22 18.42
N TYR F 29 -11.52 12.15 18.87
CA TYR F 29 -10.45 11.78 19.77
C TYR F 29 -9.70 12.95 20.41
N ASN F 30 -8.87 12.58 21.38
CA ASN F 30 -8.00 13.48 22.12
C ASN F 30 -7.26 12.55 23.10
N ARG F 31 -6.35 13.07 23.91
CA ARG F 31 -5.60 12.21 24.84
C ARG F 31 -6.46 11.27 25.68
N HIS F 32 -7.71 11.65 25.93
CA HIS F 32 -8.58 10.83 26.77
C HIS F 32 -9.50 9.85 26.07
N LEU F 33 -9.71 9.99 24.77
CA LEU F 33 -10.63 9.09 24.08
C LEU F 33 -10.43 8.92 22.59
N ASN F 34 -11.06 7.90 22.03
CA ASN F 34 -11.00 7.62 20.61
C ASN F 34 -12.19 6.74 20.24
N ARG F 35 -13.19 7.34 19.60
CA ARG F 35 -14.37 6.60 19.23
C ARG F 35 -14.77 6.86 17.79
N LYS F 36 -15.05 5.78 17.06
CA LYS F 36 -15.46 5.86 15.66
C LYS F 36 -16.89 6.30 15.70
N VAL F 37 -17.24 7.29 14.89
CA VAL F 37 -18.59 7.81 14.82
C VAL F 37 -18.95 8.00 13.36
N TYR F 38 -20.13 8.55 13.12
CA TYR F 38 -20.54 8.89 11.77
C TYR F 38 -21.56 10.02 11.91
N VAL F 39 -21.70 10.79 10.84
CA VAL F 39 -22.62 11.90 10.85
C VAL F 39 -23.35 11.89 9.52
N ASP F 40 -24.46 12.60 9.45
CA ASP F 40 -25.18 12.67 8.19
C ASP F 40 -24.37 13.59 7.30
N LEU F 41 -24.01 13.09 6.11
CA LEU F 41 -23.21 13.86 5.17
C LEU F 41 -23.81 15.22 4.89
N VAL F 42 -25.11 15.27 4.57
CA VAL F 42 -25.75 16.55 4.27
C VAL F 42 -25.69 17.49 5.47
N GLU F 43 -26.11 17.00 6.63
CA GLU F 43 -26.08 17.80 7.85
C GLU F 43 -24.67 18.29 8.17
N PHE F 44 -23.65 17.47 7.89
CA PHE F 44 -22.27 17.87 8.16
C PHE F 44 -21.86 18.98 7.19
N ASP F 45 -22.22 18.82 5.93
CA ASP F 45 -21.90 19.82 4.93
C ASP F 45 -22.39 21.19 5.39
N LYS F 46 -23.65 21.26 5.80
CA LYS F 46 -24.23 22.51 6.25
C LYS F 46 -23.40 23.13 7.37
N VAL F 47 -23.07 22.34 8.38
CA VAL F 47 -22.30 22.83 9.52
C VAL F 47 -20.85 23.14 9.17
N PHE F 48 -20.19 22.25 8.47
CA PHE F 48 -18.78 22.47 8.12
C PHE F 48 -18.53 23.73 7.29
N ARG F 49 -19.49 24.10 6.45
CA ARG F 49 -19.39 25.29 5.62
C ARG F 49 -19.27 26.55 6.50
N GLN F 50 -20.07 26.60 7.55
CA GLN F 50 -20.08 27.75 8.47
C GLN F 50 -18.91 27.70 9.45
N ALA F 51 -18.71 26.54 10.06
CA ALA F 51 -17.66 26.36 11.06
C ALA F 51 -16.25 26.09 10.56
N SER F 52 -16.12 25.31 9.48
CA SER F 52 -14.80 24.98 8.94
C SER F 52 -14.00 24.35 10.08
N ILE F 53 -12.74 24.74 10.24
CA ILE F 53 -11.93 24.20 11.34
C ILE F 53 -11.68 25.31 12.37
N HIS F 54 -12.46 26.39 12.26
CA HIS F 54 -12.34 27.55 13.12
C HIS F 54 -13.33 27.68 14.27
N HIS F 55 -14.53 27.14 14.10
CA HIS F 55 -15.56 27.24 15.14
C HIS F 55 -15.83 25.91 15.79
N VAL F 56 -16.31 25.96 17.03
CA VAL F 56 -16.60 24.75 17.76
C VAL F 56 -17.87 24.10 17.28
N ILE F 57 -17.80 22.79 17.04
CA ILE F 57 -18.96 22.03 16.63
C ILE F 57 -19.27 21.08 17.77
N VAL F 58 -20.40 21.28 18.43
CA VAL F 58 -20.77 20.39 19.52
C VAL F 58 -21.50 19.18 18.95
N LEU F 59 -20.94 18.00 19.17
CA LEU F 59 -21.56 16.77 18.66
C LEU F 59 -22.54 16.22 19.70
N GLU F 60 -23.73 15.87 19.24
CA GLU F 60 -24.76 15.32 20.12
C GLU F 60 -24.87 13.82 19.83
N LEU F 61 -24.50 13.00 20.81
CA LEU F 61 -24.56 11.56 20.65
C LEU F 61 -25.86 11.02 21.22
N PRO F 62 -26.29 9.84 20.76
CA PRO F 62 -27.54 9.23 21.24
C PRO F 62 -27.67 9.08 22.75
N ASP F 63 -26.54 8.86 23.43
CA ASP F 63 -26.58 8.71 24.88
C ASP F 63 -26.89 10.01 25.59
N GLY F 64 -27.23 11.05 24.82
CA GLY F 64 -27.53 12.35 25.39
C GLY F 64 -26.29 13.22 25.58
N GLN F 65 -25.12 12.59 25.53
CA GLN F 65 -23.85 13.28 25.71
C GLN F 65 -23.48 14.28 24.62
N SER F 66 -23.00 15.46 25.02
CA SER F 66 -22.58 16.50 24.07
C SER F 66 -21.10 16.77 24.25
N LEU F 67 -20.32 16.53 23.20
CA LEU F 67 -18.89 16.77 23.25
C LEU F 67 -18.49 17.92 22.34
N PRO F 68 -17.75 18.90 22.90
CA PRO F 68 -17.29 20.07 22.14
C PRO F 68 -16.07 19.67 21.32
N THR F 69 -16.10 19.97 20.01
CA THR F 69 -14.98 19.61 19.15
C THR F 69 -14.54 20.71 18.18
N LEU F 70 -13.54 20.36 17.41
CA LEU F 70 -12.94 21.20 16.39
C LEU F 70 -12.60 20.19 15.30
N VAL F 71 -13.04 20.42 14.07
CA VAL F 71 -12.71 19.49 13.00
C VAL F 71 -11.20 19.57 12.78
N ARG F 72 -10.51 18.43 12.80
CA ARG F 72 -9.07 18.40 12.61
C ARG F 72 -8.67 17.97 11.21
N GLN F 73 -9.53 17.23 10.54
CA GLN F 73 -9.19 16.72 9.21
C GLN F 73 -10.44 16.30 8.46
N VAL F 74 -10.42 16.50 7.15
CA VAL F 74 -11.52 16.08 6.28
C VAL F 74 -10.89 15.52 5.03
N ASN F 75 -10.84 14.20 4.93
CA ASN F 75 -10.27 13.54 3.77
C ASN F 75 -11.28 13.60 2.65
N LEU F 76 -10.81 13.98 1.48
CA LEU F 76 -11.68 14.05 0.33
C LEU F 76 -11.37 12.80 -0.46
N ASP F 77 -12.35 12.31 -1.21
CA ASP F 77 -12.12 11.10 -1.99
C ASP F 77 -11.15 11.34 -3.15
N LYS F 78 -10.41 10.30 -3.54
CA LYS F 78 -9.49 10.42 -4.66
C LYS F 78 -10.41 10.56 -5.85
N ARG F 79 -9.88 10.96 -7.02
CA ARG F 79 -10.68 11.17 -8.23
C ARG F 79 -12.04 11.78 -7.88
N ARG F 80 -12.06 13.11 -7.76
CA ARG F 80 -13.24 13.92 -7.43
C ARG F 80 -13.09 14.61 -6.08
N ARG F 81 -14.12 15.35 -5.68
CA ARG F 81 -14.08 16.07 -4.41
C ARG F 81 -15.37 16.00 -3.60
N ARG F 82 -15.25 15.43 -2.41
CA ARG F 82 -16.36 15.28 -1.47
C ARG F 82 -15.79 14.59 -0.25
N PRO F 83 -16.19 15.00 0.97
CA PRO F 83 -15.66 14.37 2.18
C PRO F 83 -15.92 12.87 2.18
N GLU F 84 -14.93 12.09 2.58
CA GLU F 84 -15.10 10.65 2.66
C GLU F 84 -14.84 10.21 4.09
N HIS F 85 -14.36 11.14 4.91
CA HIS F 85 -14.06 10.87 6.32
C HIS F 85 -13.79 12.19 7.02
N VAL F 86 -14.10 12.27 8.32
CA VAL F 86 -13.87 13.48 9.08
C VAL F 86 -13.31 13.16 10.46
N ASP F 87 -12.31 13.93 10.89
CA ASP F 87 -11.67 13.77 12.19
C ASP F 87 -12.18 14.87 13.11
N PHE F 88 -12.70 14.50 14.28
CA PHE F 88 -13.15 15.50 15.25
C PHE F 88 -12.21 15.47 16.45
N PHE F 89 -11.62 16.60 16.76
CA PHE F 89 -10.71 16.70 17.90
C PHE F 89 -11.53 17.14 19.12
N VAL F 90 -11.73 16.25 20.08
CA VAL F 90 -12.51 16.60 21.25
C VAL F 90 -11.78 17.57 22.18
N LEU F 91 -12.39 18.74 22.38
CA LEU F 91 -11.85 19.80 23.22
C LEU F 91 -12.00 19.46 24.70
N SER F 92 -10.96 19.75 25.48
CA SER F 92 -10.93 19.46 26.91
C SER F 92 -10.51 20.72 27.62
N ASP F 93 -9.62 20.60 28.60
CA ASP F 93 -9.10 21.77 29.29
C ASP F 93 -7.69 22.06 28.78
N GLU F 94 -7.10 21.08 28.08
CA GLU F 94 -5.75 21.27 27.55
C GLU F 94 -5.76 22.32 26.44
N PRO F 95 -4.74 23.16 26.39
CA PRO F 95 -4.79 24.14 25.31
C PRO F 95 -4.59 23.38 23.99
N VAL F 96 -5.05 23.94 22.88
CA VAL F 96 -4.89 23.28 21.58
C VAL F 96 -4.43 24.23 20.51
N GLU F 97 -3.83 23.68 19.47
CA GLU F 97 -3.38 24.47 18.34
C GLU F 97 -4.52 24.47 17.36
N MET F 98 -4.79 25.62 16.74
CA MET F 98 -5.88 25.72 15.78
C MET F 98 -5.58 26.87 14.84
N TYR F 99 -6.34 26.96 13.77
CA TYR F 99 -6.16 28.07 12.83
C TYR F 99 -7.26 29.07 13.10
N VAL F 100 -6.89 30.35 13.10
CA VAL F 100 -7.85 31.41 13.34
C VAL F 100 -7.86 32.31 12.10
N PRO F 101 -9.07 32.66 11.59
CA PRO F 101 -9.25 33.50 10.41
C PRO F 101 -8.63 34.87 10.63
N LEU F 102 -7.85 35.34 9.66
CA LEU F 102 -7.28 36.67 9.75
C LEU F 102 -8.30 37.59 9.09
N ARG F 103 -8.69 38.63 9.81
CA ARG F 103 -9.65 39.58 9.28
C ARG F 103 -8.89 40.84 8.86
N PHE F 104 -8.47 40.88 7.59
CA PHE F 104 -7.74 42.04 7.07
C PHE F 104 -8.67 43.24 7.02
N VAL F 105 -8.14 44.38 7.41
CA VAL F 105 -8.96 45.56 7.51
C VAL F 105 -8.24 46.79 6.96
N GLY F 106 -8.99 47.63 6.24
CA GLY F 106 -8.41 48.82 5.69
C GLY F 106 -7.80 48.64 4.31
N THR F 107 -7.69 49.75 3.58
CA THR F 107 -7.11 49.74 2.24
C THR F 107 -5.72 50.31 2.37
N PRO F 108 -4.69 49.45 2.20
CA PRO F 108 -3.29 49.84 2.32
C PRO F 108 -2.94 51.16 1.63
N ALA F 109 -2.12 51.96 2.32
CA ALA F 109 -1.67 53.23 1.76
C ALA F 109 -0.96 52.91 0.45
N GLY F 110 -0.24 51.77 0.43
CA GLY F 110 0.49 51.34 -0.74
C GLY F 110 -0.43 50.98 -1.89
N VAL F 111 -1.60 50.44 -1.58
CA VAL F 111 -2.56 50.07 -2.60
C VAL F 111 -3.17 51.36 -3.17
N ARG F 112 -3.46 52.31 -2.27
CA ARG F 112 -4.03 53.58 -2.70
C ARG F 112 -3.07 54.28 -3.65
N ALA F 113 -1.79 53.98 -3.52
CA ALA F 113 -0.78 54.56 -4.39
C ALA F 113 -0.58 53.72 -5.65
N GLY F 114 -1.50 52.79 -5.92
CA GLY F 114 -1.39 51.96 -7.12
C GLY F 114 -0.80 50.57 -6.95
N GLY F 115 -0.24 50.28 -5.77
CA GLY F 115 0.36 48.97 -5.52
C GLY F 115 -0.68 47.90 -5.23
N VAL F 116 -0.22 46.68 -4.99
CA VAL F 116 -1.14 45.59 -4.73
C VAL F 116 -0.87 44.87 -3.41
N LEU F 117 -1.96 44.49 -2.76
CA LEU F 117 -1.91 43.78 -1.48
C LEU F 117 -1.89 42.26 -1.65
N GLN F 118 -0.94 41.61 -0.96
CA GLN F 118 -0.84 40.17 -1.00
C GLN F 118 -1.12 39.67 0.40
N GLU F 119 -2.16 38.87 0.53
CA GLU F 119 -2.52 38.29 1.82
C GLU F 119 -1.89 36.90 1.85
N ILE F 120 -0.61 36.85 2.26
CA ILE F 120 0.14 35.61 2.33
C ILE F 120 -0.66 34.54 3.05
N HIS F 121 -1.17 34.89 4.24
CA HIS F 121 -1.97 33.97 5.04
C HIS F 121 -3.42 34.40 5.14
N ARG F 122 -4.33 33.44 5.11
CA ARG F 122 -5.76 33.73 5.23
C ARG F 122 -6.12 33.39 6.67
N ASP F 123 -5.38 32.43 7.22
CA ASP F 123 -5.58 31.97 8.60
C ASP F 123 -4.20 31.99 9.28
N ILE F 124 -4.18 31.82 10.60
CA ILE F 124 -2.92 31.78 11.35
C ILE F 124 -3.01 30.75 12.46
N LEU F 125 -2.01 29.87 12.54
CA LEU F 125 -1.97 28.82 13.57
C LEU F 125 -1.62 29.41 14.94
N VAL F 126 -2.49 29.20 15.91
CA VAL F 126 -2.27 29.72 17.26
C VAL F 126 -2.47 28.63 18.31
N LYS F 127 -2.05 28.92 19.53
CA LYS F 127 -2.22 27.99 20.64
C LYS F 127 -3.10 28.71 21.68
N VAL F 128 -4.18 28.06 22.09
CA VAL F 128 -5.10 28.68 23.04
C VAL F 128 -6.02 27.66 23.69
N SER F 129 -6.41 27.95 24.92
CA SER F 129 -7.32 27.07 25.64
C SER F 129 -8.66 27.16 24.91
N PRO F 130 -9.40 26.06 24.82
CA PRO F 130 -10.71 26.04 24.15
C PRO F 130 -11.60 27.16 24.73
N ARG F 131 -11.34 27.44 25.99
CA ARG F 131 -12.06 28.45 26.76
C ARG F 131 -12.00 29.86 26.13
N ASN F 132 -10.90 30.16 25.44
CA ASN F 132 -10.71 31.47 24.84
C ASN F 132 -10.56 31.46 23.32
N ILE F 133 -11.17 30.48 22.66
CA ILE F 133 -11.10 30.43 21.21
C ILE F 133 -11.71 31.71 20.65
N PRO F 134 -10.92 32.48 19.87
CA PRO F 134 -11.39 33.75 19.27
C PRO F 134 -12.16 33.51 17.97
N GLU F 135 -12.86 34.54 17.49
CA GLU F 135 -13.62 34.42 16.25
C GLU F 135 -12.77 34.79 15.06
N PHE F 136 -11.68 35.50 15.32
CA PHE F 136 -10.76 35.97 14.29
C PHE F 136 -9.69 36.83 14.95
N ILE F 137 -8.69 37.20 14.16
CA ILE F 137 -7.60 38.04 14.63
C ILE F 137 -7.57 39.20 13.63
N GLU F 138 -7.98 40.39 14.09
CA GLU F 138 -8.02 41.56 13.21
C GLU F 138 -6.63 42.03 12.83
N VAL F 139 -6.48 42.38 11.56
CA VAL F 139 -5.21 42.85 11.03
C VAL F 139 -5.39 44.13 10.25
N ASP F 140 -4.88 45.23 10.79
CA ASP F 140 -4.98 46.53 10.15
C ASP F 140 -3.84 46.69 9.15
N VAL F 141 -4.18 46.72 7.87
CA VAL F 141 -3.18 46.85 6.80
C VAL F 141 -3.15 48.19 6.08
N SER F 142 -4.02 49.13 6.48
CA SER F 142 -4.07 50.43 5.84
C SER F 142 -2.78 51.23 5.87
N GLY F 143 -1.84 50.87 6.74
CA GLY F 143 -0.60 51.60 6.82
C GLY F 143 0.51 51.02 5.97
N LEU F 144 0.27 49.83 5.44
CA LEU F 144 1.29 49.19 4.61
C LEU F 144 1.46 49.91 3.27
N GLU F 145 2.69 50.36 3.02
CA GLU F 145 3.02 51.02 1.77
C GLU F 145 3.72 50.02 0.89
N ILE F 146 3.88 50.34 -0.39
CA ILE F 146 4.53 49.44 -1.32
C ILE F 146 5.92 49.12 -0.77
N GLY F 147 6.20 47.83 -0.60
CA GLY F 147 7.48 47.41 -0.09
C GLY F 147 7.40 47.10 1.39
N ASP F 148 6.20 47.23 1.94
CA ASP F 148 5.99 46.94 3.36
C ASP F 148 5.43 45.55 3.54
N SER F 149 5.86 44.87 4.60
CA SER F 149 5.39 43.53 4.93
C SER F 149 4.93 43.50 6.38
N LEU F 150 3.91 42.70 6.65
CA LEU F 150 3.37 42.56 7.99
C LEU F 150 3.70 41.12 8.41
N HIS F 151 4.28 40.95 9.59
CA HIS F 151 4.63 39.60 10.05
C HIS F 151 3.77 39.10 11.19
N ALA F 152 3.85 37.80 11.46
CA ALA F 152 3.07 37.18 12.52
C ALA F 152 3.31 37.93 13.82
N SER F 153 4.56 38.32 14.04
CA SER F 153 4.92 39.05 15.25
C SER F 153 4.18 40.38 15.34
N ASP F 154 3.73 40.88 14.19
CA ASP F 154 3.02 42.16 14.11
C ASP F 154 1.54 42.04 14.46
N LEU F 155 1.07 40.80 14.59
CA LEU F 155 -0.33 40.52 14.92
C LEU F 155 -0.66 40.91 16.36
N LYS F 156 -1.80 41.57 16.55
CA LYS F 156 -2.23 41.95 17.89
C LYS F 156 -3.20 40.87 18.35
N LEU F 157 -2.67 39.90 19.09
CA LEU F 157 -3.41 38.76 19.58
C LEU F 157 -4.36 39.01 20.74
N PRO F 158 -5.52 38.34 20.73
CA PRO F 158 -6.54 38.47 21.79
C PRO F 158 -5.97 37.87 23.07
N PRO F 159 -6.63 38.13 24.20
CA PRO F 159 -6.17 37.61 25.48
C PRO F 159 -6.16 36.08 25.53
N GLY F 160 -4.99 35.52 25.86
CA GLY F 160 -4.87 34.07 25.99
C GLY F 160 -4.59 33.33 24.70
N VAL F 161 -4.28 34.06 23.65
CA VAL F 161 -4.00 33.47 22.36
C VAL F 161 -2.55 33.74 22.01
N GLU F 162 -1.80 32.71 21.64
CA GLU F 162 -0.41 32.93 21.27
C GLU F 162 -0.02 32.20 19.99
N LEU F 163 0.89 32.81 19.25
CA LEU F 163 1.36 32.23 18.00
C LEU F 163 1.87 30.80 18.13
N ALA F 164 1.48 29.95 17.17
CA ALA F 164 1.91 28.57 17.11
C ALA F 164 2.66 28.51 15.79
N VAL F 165 3.11 29.69 15.36
CA VAL F 165 3.80 29.88 14.10
C VAL F 165 5.01 30.80 14.31
N SER F 166 6.02 30.66 13.46
CA SER F 166 7.24 31.47 13.55
C SER F 166 6.91 32.97 13.57
N PRO F 167 7.58 33.72 14.46
CA PRO F 167 7.34 35.17 14.55
C PRO F 167 7.59 35.91 13.24
N GLU F 168 8.57 35.43 12.47
CA GLU F 168 8.93 36.02 11.19
C GLU F 168 8.02 35.64 10.03
N GLU F 169 7.03 34.80 10.31
CA GLU F 169 6.10 34.39 9.26
C GLU F 169 5.40 35.61 8.66
N THR F 170 5.67 35.88 7.39
CA THR F 170 5.06 37.00 6.70
C THR F 170 3.56 36.76 6.54
N ILE F 171 2.76 37.67 7.09
CA ILE F 171 1.29 37.58 7.02
C ILE F 171 0.74 38.25 5.76
N ALA F 172 1.35 39.38 5.38
CA ALA F 172 0.91 40.13 4.21
C ALA F 172 1.94 41.14 3.72
N ALA F 173 1.84 41.49 2.45
CA ALA F 173 2.77 42.43 1.86
C ALA F 173 2.11 43.20 0.73
N VAL F 174 2.60 44.42 0.48
CA VAL F 174 2.06 45.21 -0.60
C VAL F 174 3.19 45.33 -1.60
N VAL F 175 2.93 44.84 -2.80
CA VAL F 175 3.91 44.86 -3.86
C VAL F 175 3.59 45.91 -4.92
N PRO F 176 4.59 46.28 -5.75
CA PRO F 176 4.34 47.26 -6.81
C PRO F 176 3.49 46.57 -7.87
N PRO F 177 2.68 47.32 -8.64
CA PRO F 177 1.85 46.68 -9.66
C PRO F 177 2.75 46.12 -10.74
N GLU F 178 2.25 45.14 -11.51
CA GLU F 178 3.05 44.53 -12.56
C GLU F 178 3.46 45.49 -13.68
N ASP F 179 4.73 45.89 -13.64
CA ASP F 179 5.32 46.80 -14.62
C ASP F 179 6.72 46.25 -14.94
N VAL F 180 6.79 45.35 -15.94
CA VAL F 180 8.04 44.70 -16.35
C VAL F 180 8.41 43.62 -15.32
N GLU F 181 8.52 44.06 -14.06
CA GLU F 181 8.84 43.21 -12.92
C GLU F 181 9.97 42.19 -13.10
N LYS F 182 9.62 40.96 -13.48
CA LYS F 182 10.60 39.88 -13.68
C LYS F 182 11.93 40.32 -14.31
N LEU F 183 11.86 41.15 -15.34
CA LEU F 183 13.06 41.66 -16.04
C LEU F 183 13.79 42.67 -15.15
N ALA F 184 13.03 43.61 -14.59
CA ALA F 184 13.58 44.64 -13.71
C ALA F 184 14.02 44.02 -12.38
N GLU F 185 13.36 42.93 -11.99
CA GLU F 185 13.65 42.21 -10.75
C GLU F 185 15.07 41.67 -10.71
N GLU F 186 15.54 41.18 -11.85
CA GLU F 186 16.90 40.63 -11.98
C GLU F 186 17.90 41.78 -12.15
N ALA F 187 17.43 42.90 -12.71
CA ALA F 187 18.27 44.07 -12.91
C ALA F 187 18.80 44.49 -11.54
N ALA F 188 18.00 44.19 -10.51
CA ALA F 188 18.36 44.48 -9.11
C ALA F 188 19.12 43.29 -8.56
N ALA F 189 18.74 42.09 -9.02
CA ALA F 189 19.39 40.85 -8.60
C ALA F 189 20.83 40.79 -9.12
MG MG G . 10.08 -5.13 1.04
MG MG H . -3.29 7.61 -2.02
MG MG I . 11.77 -30.26 10.39
MG MG J . 7.67 -23.68 5.71
MG MG K . 4.01 -9.60 3.41
MG MG L . 9.21 -40.84 14.11
MG MG M . -4.41 3.05 9.19
MG MG N . -18.80 -15.54 -3.39
MG MG O . -10.99 -4.34 -0.69
MG MG P . -9.24 -3.98 8.37
MG MG Q . 12.82 30.74 26.88
MG MG R . 1.22 5.01 9.33
MG MG S . 9.72 17.68 27.19
CD CD T . 6.38 -28.56 -13.44
CD CD U . 17.84 -32.59 -13.29
CD CD V . 23.59 -25.45 6.37
CD CD W . -4.98 -45.25 -1.74
CD CD X . -0.58 -31.16 -3.51
CD CD Y . 1.19 -30.67 -7.24
CD CD Z . -13.12 22.88 32.62
CD CD AA . -10.00 29.07 6.79
CD CD BA . -16.96 30.68 16.94
CD CD CA . -8.04 16.75 29.90
CD CD DA . 7.39 43.17 10.83
CD CD EA . 2.01 29.61 8.31
CD CD FA . -1.84 29.98 7.29
MG MG GA . -28.82 12.59 4.66
MG MG HA . -27.52 2.61 9.77
MG MG IA . -25.52 -0.37 12.43
MG MG JA . 3.78 29.59 27.81
#